data_4RXU
#
_entry.id   4RXU
#
_cell.length_a   42.037
_cell.length_b   51.426
_cell.length_c   140.125
_cell.angle_alpha   90.00
_cell.angle_beta   90.00
_cell.angle_gamma   90.00
#
_symmetry.space_group_name_H-M   'P 21 21 21'
#
loop_
_entity.id
_entity.type
_entity.pdbx_description
1 polymer 'Periplasmic sugar-binding protein'
2 non-polymer 'CITRIC ACID'
3 non-polymer beta-D-glucopyranose
4 water water
#
_entity_poly.entity_id   1
_entity_poly.type   'polypeptide(L)'
_entity_poly.pdbx_seq_one_letter_code
;SMCGSGGSTGGNTGGSTGGSTGGSTGNTQQLAVGIVLPTKDEPRWIQDETRFREALQQAGYQVEILFSQGSSAKEKENVE
ALIAKGIKVLIICPHDGTAAAAAAEAARAAGVKVISYDRLIRETDAVDYYVTFDSIAVGAQQAQYLVDHASGTGNPLYLY
AGAASDNNAFLFFEGAWKVLQPKIADGTFVIKNSSEAVALQNKLDLTRDEMAKIIGQVTTNWDFNTAKNLAEANLTAATA
ADKGKVYILAPNDGTARAIADAFAADKDVTEYFVTGQDAEKASVQYIIDGRQSMTVFKDVRTLVQDAIKAAVALLQDQQP
EARGTYNNGKKDVPAIQSPVVTVTRDNVRAALIDSGYYSASDFTNLP
;
_entity_poly.pdbx_strand_id   A
#
# COMPACT_ATOMS: atom_id res chain seq x y z
N THR A 28 -32.54 -7.29 2.41
CA THR A 28 -31.33 -7.06 1.57
C THR A 28 -31.38 -7.97 0.34
N GLN A 29 -30.55 -7.71 -0.66
CA GLN A 29 -30.43 -8.62 -1.80
C GLN A 29 -29.05 -9.27 -1.82
N GLN A 30 -29.05 -10.58 -2.04
CA GLN A 30 -27.83 -11.31 -2.22
C GLN A 30 -27.33 -10.98 -3.62
N LEU A 31 -26.11 -10.46 -3.70
CA LEU A 31 -25.48 -10.25 -5.00
C LEU A 31 -24.55 -11.42 -5.30
N ALA A 32 -24.47 -11.76 -6.59
CA ALA A 32 -23.55 -12.81 -7.06
C ALA A 32 -22.14 -12.27 -7.21
N VAL A 33 -21.63 -11.87 -6.06
CA VAL A 33 -20.32 -11.24 -5.93
C VAL A 33 -19.66 -11.85 -4.69
N GLY A 34 -18.34 -12.03 -4.76
CA GLY A 34 -17.55 -12.48 -3.63
C GLY A 34 -16.34 -11.59 -3.51
N ILE A 35 -15.94 -11.33 -2.26
CA ILE A 35 -14.80 -10.50 -1.94
C ILE A 35 -13.75 -11.32 -1.25
N VAL A 36 -12.51 -11.29 -1.74
CA VAL A 36 -11.40 -12.01 -1.09
C VAL A 36 -10.31 -11.05 -0.72
N LEU A 37 -9.98 -11.03 0.57
CA LEU A 37 -8.92 -10.13 1.11
C LEU A 37 -7.80 -10.99 1.67
N PRO A 38 -6.56 -10.46 1.70
CA PRO A 38 -5.43 -11.38 1.86
C PRO A 38 -5.16 -11.84 3.27
N THR A 39 -5.36 -10.97 4.26
CA THR A 39 -5.02 -11.30 5.64
C THR A 39 -5.64 -10.30 6.59
N LYS A 40 -5.97 -10.75 7.80
CA LYS A 40 -6.37 -9.86 8.90
C LYS A 40 -5.17 -9.35 9.71
N ASP A 41 -3.97 -9.82 9.37
CA ASP A 41 -2.76 -9.54 10.17
C ASP A 41 -1.98 -8.33 9.67
N GLU A 42 -2.54 -7.72 8.64
CA GLU A 42 -2.10 -6.40 8.18
C GLU A 42 -3.28 -5.47 8.42
N PRO A 43 -3.05 -4.39 9.20
CA PRO A 43 -4.23 -3.58 9.60
C PRO A 43 -5.06 -3.02 8.44
N ARG A 44 -4.40 -2.76 7.31
CA ARG A 44 -5.04 -2.14 6.16
C ARG A 44 -6.35 -2.84 5.83
N TRP A 45 -6.34 -4.18 5.82
CA TRP A 45 -7.51 -4.92 5.31
C TRP A 45 -8.70 -4.90 6.24
N ILE A 46 -8.46 -4.57 7.51
CA ILE A 46 -9.53 -4.32 8.45
C ILE A 46 -10.30 -3.06 8.02
N GLN A 47 -9.60 -2.04 7.52
CA GLN A 47 -10.27 -0.85 7.00
C GLN A 47 -11.20 -1.24 5.85
N ASP A 48 -10.65 -1.97 4.86
CA ASP A 48 -11.51 -2.37 3.73
C ASP A 48 -12.67 -3.25 4.16
N GLU A 49 -12.44 -4.20 5.06
CA GLU A 49 -13.54 -5.02 5.60
C GLU A 49 -14.65 -4.15 6.17
N THR A 50 -14.27 -3.21 7.02
CA THR A 50 -15.21 -2.28 7.65
C THR A 50 -15.96 -1.45 6.65
N ARG A 51 -15.21 -0.88 5.70
CA ARG A 51 -15.80 -0.03 4.71
C ARG A 51 -16.70 -0.80 3.73
N PHE A 52 -16.30 -2.04 3.39
CA PHE A 52 -17.16 -2.87 2.56
C PHE A 52 -18.47 -3.12 3.27
N ARG A 53 -18.39 -3.57 4.51
CA ARG A 53 -19.60 -3.88 5.29
C ARG A 53 -20.51 -2.67 5.41
N GLU A 54 -19.94 -1.50 5.69
CA GLU A 54 -20.74 -0.27 5.74
C GLU A 54 -21.44 0.03 4.40
N ALA A 55 -20.70 -0.09 3.31
CA ALA A 55 -21.26 0.24 1.98
C ALA A 55 -22.31 -0.77 1.56
N LEU A 56 -22.05 -2.03 1.86
CA LEU A 56 -22.98 -3.10 1.53
C LEU A 56 -24.27 -2.93 2.35
N GLN A 57 -24.14 -2.61 3.64
CA GLN A 57 -25.29 -2.35 4.51
C GLN A 57 -26.14 -1.21 3.96
N GLN A 58 -25.46 -0.13 3.54
CA GLN A 58 -26.12 1.12 3.06
C GLN A 58 -26.98 0.81 1.85
N ALA A 59 -26.40 0.00 0.96
CA ALA A 59 -27.06 -0.36 -0.29
C ALA A 59 -28.05 -1.53 -0.19
N GLY A 60 -28.14 -2.15 0.98
CA GLY A 60 -28.97 -3.36 1.15
C GLY A 60 -28.45 -4.54 0.35
N TYR A 61 -27.13 -4.65 0.27
CA TYR A 61 -26.48 -5.75 -0.47
C TYR A 61 -25.85 -6.72 0.53
N GLN A 62 -25.96 -8.00 0.20
CA GLN A 62 -25.25 -9.04 0.92
C GLN A 62 -24.23 -9.71 0.00
N VAL A 63 -22.97 -9.61 0.42
CA VAL A 63 -21.83 -10.13 -0.33
C VAL A 63 -20.86 -10.75 0.68
N GLU A 64 -20.45 -11.99 0.42
CA GLU A 64 -19.54 -12.67 1.33
C GLU A 64 -18.11 -12.13 1.18
N ILE A 65 -17.46 -11.92 2.32
CA ILE A 65 -16.05 -11.55 2.40
C ILE A 65 -15.29 -12.69 3.05
N LEU A 66 -14.28 -13.18 2.34
CA LEU A 66 -13.38 -14.23 2.83
C LEU A 66 -11.96 -13.68 2.92
N PHE A 67 -11.26 -14.11 3.95
CA PHE A 67 -9.84 -13.77 4.09
C PHE A 67 -9.01 -15.01 3.77
N SER A 68 -7.82 -14.76 3.25
CA SER A 68 -6.91 -15.77 2.78
C SER A 68 -5.80 -16.16 3.76
N GLN A 69 -5.72 -15.50 4.90
CA GLN A 69 -4.73 -15.80 5.95
C GLN A 69 -3.30 -15.83 5.46
N GLY A 70 -3.03 -14.96 4.51
CA GLY A 70 -1.70 -14.80 3.97
C GLY A 70 -1.21 -16.02 3.22
N SER A 71 -2.15 -16.82 2.70
CA SER A 71 -1.84 -18.05 1.96
C SER A 71 -2.41 -18.02 0.57
N SER A 72 -1.55 -18.17 -0.44
CA SER A 72 -2.04 -18.25 -1.82
C SER A 72 -2.88 -19.50 -2.04
N ALA A 73 -2.54 -20.57 -1.35
CA ALA A 73 -3.31 -21.79 -1.51
C ALA A 73 -4.72 -21.62 -0.93
N LYS A 74 -4.81 -20.96 0.23
CA LYS A 74 -6.13 -20.72 0.82
C LYS A 74 -6.92 -19.73 -0.03
N GLU A 75 -6.23 -18.72 -0.55
CA GLU A 75 -6.84 -17.77 -1.45
C GLU A 75 -7.53 -18.45 -2.64
N LYS A 76 -6.83 -19.41 -3.22
CA LYS A 76 -7.36 -20.13 -4.34
C LYS A 76 -8.58 -20.93 -3.91
N GLU A 77 -8.50 -21.58 -2.76
CA GLU A 77 -9.65 -22.27 -2.19
C GLU A 77 -10.85 -21.33 -2.04
N ASN A 78 -10.59 -20.15 -1.48
CA ASN A 78 -11.63 -19.16 -1.29
C ASN A 78 -12.32 -18.86 -2.61
N VAL A 79 -11.51 -18.64 -3.64
CA VAL A 79 -12.07 -18.38 -4.96
C VAL A 79 -12.92 -19.57 -5.41
N GLU A 80 -12.39 -20.78 -5.23
CA GLU A 80 -13.13 -21.96 -5.68
C GLU A 80 -14.48 -22.11 -4.95
N ALA A 81 -14.49 -21.77 -3.66
CA ALA A 81 -15.71 -21.85 -2.85
C ALA A 81 -16.73 -20.85 -3.37
N LEU A 82 -16.27 -19.66 -3.73
CA LEU A 82 -17.17 -18.62 -4.20
C LEU A 82 -17.74 -18.98 -5.57
N ILE A 83 -16.90 -19.54 -6.43
CA ILE A 83 -17.35 -20.03 -7.74
C ILE A 83 -18.47 -21.03 -7.54
N ALA A 84 -18.31 -21.92 -6.57
CA ALA A 84 -19.26 -22.98 -6.33
C ALA A 84 -20.58 -22.45 -5.77
N LYS A 85 -20.50 -21.33 -5.08
CA LYS A 85 -21.69 -20.62 -4.63
C LYS A 85 -22.39 -19.79 -5.70
N GLY A 86 -21.77 -19.64 -6.86
CA GLY A 86 -22.44 -19.05 -8.01
C GLY A 86 -22.13 -17.60 -8.26
N ILE A 87 -21.03 -17.13 -7.71
CA ILE A 87 -20.63 -15.76 -8.01
C ILE A 87 -20.40 -15.52 -9.49
N LYS A 88 -20.73 -14.31 -9.93
CA LYS A 88 -20.45 -13.85 -11.27
C LYS A 88 -19.35 -12.82 -11.33
N VAL A 89 -19.02 -12.22 -10.18
CA VAL A 89 -17.94 -11.22 -10.11
C VAL A 89 -17.14 -11.50 -8.85
N LEU A 90 -15.83 -11.54 -9.02
CA LEU A 90 -14.88 -11.72 -7.93
C LEU A 90 -14.14 -10.40 -7.72
N ILE A 91 -14.20 -9.86 -6.50
CA ILE A 91 -13.33 -8.73 -6.10
C ILE A 91 -12.24 -9.35 -5.22
N ILE A 92 -10.99 -9.25 -5.66
CA ILE A 92 -9.90 -9.97 -5.00
C ILE A 92 -8.64 -9.14 -4.84
N CYS A 93 -8.18 -9.04 -3.58
CA CYS A 93 -6.90 -8.49 -3.26
C CYS A 93 -5.94 -9.66 -2.97
N PRO A 94 -4.96 -9.88 -3.87
CA PRO A 94 -4.12 -11.03 -3.71
C PRO A 94 -3.12 -10.89 -2.58
N HIS A 95 -2.86 -12.02 -1.93
CA HIS A 95 -1.71 -12.05 -1.04
C HIS A 95 -0.39 -11.96 -1.79
N ASP A 96 -0.28 -12.78 -2.82
CA ASP A 96 0.91 -12.81 -3.66
C ASP A 96 0.44 -12.63 -5.09
N GLY A 97 0.83 -11.54 -5.72
CA GLY A 97 0.19 -11.13 -6.97
C GLY A 97 0.40 -12.14 -8.10
N THR A 98 1.63 -12.61 -8.25
CA THR A 98 1.94 -13.57 -9.28
C THR A 98 1.31 -14.91 -8.98
N ALA A 99 1.40 -15.33 -7.72
CA ALA A 99 0.83 -16.63 -7.33
C ALA A 99 -0.66 -16.73 -7.53
N ALA A 100 -1.34 -15.58 -7.50
CA ALA A 100 -2.81 -15.52 -7.65
C ALA A 100 -3.27 -15.74 -9.09
N ALA A 101 -2.32 -15.87 -10.03
CA ALA A 101 -2.72 -16.09 -11.41
C ALA A 101 -3.68 -17.28 -11.61
N ALA A 102 -3.38 -18.41 -10.98
CA ALA A 102 -4.21 -19.61 -11.20
C ALA A 102 -5.62 -19.40 -10.65
N ALA A 103 -5.75 -18.68 -9.54
CA ALA A 103 -7.05 -18.34 -8.99
C ALA A 103 -7.89 -17.47 -9.93
N ALA A 104 -7.23 -16.47 -10.52
CA ALA A 104 -7.90 -15.58 -11.46
C ALA A 104 -8.34 -16.40 -12.70
N GLU A 105 -7.45 -17.27 -13.16
CA GLU A 105 -7.73 -18.11 -14.32
C GLU A 105 -8.88 -19.05 -14.04
N ALA A 106 -8.95 -19.59 -12.82
CA ALA A 106 -10.06 -20.47 -12.45
C ALA A 106 -11.39 -19.71 -12.46
N ALA A 107 -11.36 -18.47 -11.98
CA ALA A 107 -12.56 -17.64 -12.00
C ALA A 107 -12.97 -17.39 -13.44
N ARG A 108 -12.03 -16.93 -14.26
CA ARG A 108 -12.36 -16.65 -15.68
CA ARG A 108 -12.35 -16.66 -15.66
C ARG A 108 -12.93 -17.90 -16.37
N ALA A 109 -12.36 -19.06 -16.04
CA ALA A 109 -12.77 -20.29 -16.69
C ALA A 109 -14.20 -20.70 -16.37
N ALA A 110 -14.71 -20.18 -15.25
CA ALA A 110 -16.07 -20.43 -14.83
C ALA A 110 -17.00 -19.29 -15.19
N GLY A 111 -16.54 -18.35 -16.01
CA GLY A 111 -17.35 -17.24 -16.45
C GLY A 111 -17.51 -16.15 -15.41
N VAL A 112 -16.54 -16.07 -14.51
CA VAL A 112 -16.56 -15.07 -13.46
C VAL A 112 -15.62 -13.94 -13.83
N LYS A 113 -16.12 -12.71 -13.71
CA LYS A 113 -15.34 -11.51 -13.96
C LYS A 113 -14.41 -11.30 -12.76
N VAL A 114 -13.22 -10.83 -13.06
CA VAL A 114 -12.16 -10.68 -12.07
C VAL A 114 -11.76 -9.20 -11.92
N ILE A 115 -12.08 -8.65 -10.75
CA ILE A 115 -11.69 -7.30 -10.38
C ILE A 115 -10.57 -7.46 -9.34
N SER A 116 -9.35 -7.18 -9.77
CA SER A 116 -8.24 -7.15 -8.84
C SER A 116 -8.41 -5.86 -8.01
N TYR A 117 -8.22 -5.99 -6.70
CA TYR A 117 -8.60 -4.95 -5.75
C TYR A 117 -7.38 -4.56 -4.92
N ASP A 118 -7.04 -3.28 -5.03
CA ASP A 118 -5.91 -2.63 -4.37
C ASP A 118 -4.56 -3.10 -4.91
N ARG A 119 -4.33 -4.41 -4.87
CA ARG A 119 -3.11 -5.03 -5.38
C ARG A 119 -3.43 -5.75 -6.65
N LEU A 120 -2.44 -5.81 -7.54
CA LEU A 120 -2.61 -6.36 -8.86
C LEU A 120 -2.21 -7.85 -8.93
N ILE A 121 -3.10 -8.67 -9.45
CA ILE A 121 -2.77 -10.03 -9.84
C ILE A 121 -1.94 -9.98 -11.10
N ARG A 122 -0.83 -10.72 -11.10
CA ARG A 122 0.16 -10.67 -12.16
C ARG A 122 0.26 -11.92 -12.99
N GLU A 123 0.83 -11.76 -14.18
CA GLU A 123 1.29 -12.86 -15.05
C GLU A 123 0.13 -13.71 -15.57
N THR A 124 -0.97 -13.02 -15.85
CA THR A 124 -2.12 -13.63 -16.50
C THR A 124 -2.99 -12.59 -17.17
N ASP A 125 -3.68 -13.02 -18.21
CA ASP A 125 -4.63 -12.07 -18.81
CA ASP A 125 -4.70 -12.25 -18.92
C ASP A 125 -6.05 -12.22 -18.23
N ALA A 126 -6.20 -13.09 -17.22
CA ALA A 126 -7.45 -13.31 -16.52
C ALA A 126 -7.75 -12.26 -15.47
N VAL A 127 -7.42 -11.01 -15.74
CA VAL A 127 -7.82 -9.92 -14.86
C VAL A 127 -8.62 -8.93 -15.70
N ASP A 128 -9.88 -8.68 -15.34
CA ASP A 128 -10.74 -7.79 -16.16
C ASP A 128 -10.54 -6.32 -15.82
N TYR A 129 -10.46 -6.02 -14.53
CA TYR A 129 -10.33 -4.61 -14.03
C TYR A 129 -9.43 -4.61 -12.83
N TYR A 130 -8.86 -3.44 -12.58
CA TYR A 130 -8.04 -3.20 -11.40
C TYR A 130 -8.52 -1.91 -10.70
N VAL A 131 -9.10 -2.07 -9.54
CA VAL A 131 -9.53 -0.97 -8.69
C VAL A 131 -8.38 -0.69 -7.73
N THR A 132 -7.84 0.52 -7.82
CA THR A 132 -6.59 0.85 -7.16
C THR A 132 -6.49 2.32 -6.77
N PHE A 133 -5.66 2.59 -5.77
CA PHE A 133 -5.14 3.92 -5.56
C PHE A 133 -3.97 4.18 -6.48
N ASP A 134 -3.59 5.43 -6.64
CA ASP A 134 -2.41 5.78 -7.46
C ASP A 134 -1.14 5.48 -6.65
N SER A 135 -0.65 4.26 -6.73
CA SER A 135 0.47 3.83 -5.89
C SER A 135 1.81 4.49 -6.20
N ILE A 136 2.06 4.81 -7.47
CA ILE A 136 3.27 5.55 -7.81
C ILE A 136 3.26 6.91 -7.06
N ALA A 137 2.10 7.57 -7.08
CA ALA A 137 1.96 8.85 -6.41
C ALA A 137 2.13 8.70 -4.89
N VAL A 138 1.68 7.59 -4.30
CA VAL A 138 1.97 7.36 -2.87
C VAL A 138 3.49 7.45 -2.60
N GLY A 139 4.29 6.70 -3.36
CA GLY A 139 5.73 6.69 -3.11
C GLY A 139 6.37 8.03 -3.40
N ALA A 140 5.93 8.67 -4.48
CA ALA A 140 6.42 10.01 -4.85
C ALA A 140 6.13 10.99 -3.72
N GLN A 141 4.93 10.94 -3.17
CA GLN A 141 4.56 11.85 -2.09
C GLN A 141 5.36 11.59 -0.82
N GLN A 142 5.60 10.31 -0.53
CA GLN A 142 6.43 9.99 0.61
C GLN A 142 7.82 10.60 0.44
N ALA A 143 8.43 10.31 -0.70
CA ALA A 143 9.77 10.84 -0.96
C ALA A 143 9.82 12.37 -1.00
N GLN A 144 8.82 12.97 -1.64
CA GLN A 144 8.78 14.41 -1.80
C GLN A 144 8.73 15.11 -0.43
N TYR A 145 8.00 14.52 0.52
CA TYR A 145 7.95 15.05 1.88
C TYR A 145 9.36 15.09 2.48
N LEU A 146 10.13 14.02 2.29
CA LEU A 146 11.48 13.95 2.82
C LEU A 146 12.35 15.01 2.17
N VAL A 147 12.27 15.07 0.85
CA VAL A 147 13.05 16.06 0.09
C VAL A 147 12.73 17.48 0.54
N ASP A 148 11.45 17.77 0.75
CA ASP A 148 11.00 19.11 1.08
C ASP A 148 11.47 19.56 2.44
N HIS A 149 11.83 18.58 3.28
CA HIS A 149 12.35 18.86 4.62
C HIS A 149 13.84 18.66 4.81
N ALA A 150 14.58 18.50 3.72
CA ALA A 150 16.04 18.32 3.79
C ALA A 150 16.69 19.49 3.12
N SER A 151 17.81 19.95 3.71
CA SER A 151 18.68 20.93 3.06
C SER A 151 20.12 20.57 3.25
N GLY A 152 20.95 21.23 2.45
CA GLY A 152 22.38 20.98 2.47
C GLY A 152 22.68 19.60 1.97
N THR A 153 23.83 19.07 2.39
CA THR A 153 24.31 17.80 1.89
C THR A 153 24.59 16.80 2.99
N GLY A 154 24.58 15.55 2.58
CA GLY A 154 24.98 14.47 3.46
C GLY A 154 23.95 14.12 4.50
N ASN A 155 22.70 14.42 4.22
CA ASN A 155 21.60 14.02 5.12
C ASN A 155 21.40 12.51 5.10
N PRO A 156 21.46 11.85 6.26
CA PRO A 156 21.22 10.41 6.26
C PRO A 156 19.82 10.03 5.80
N LEU A 157 19.76 8.99 4.97
CA LEU A 157 18.53 8.48 4.40
C LEU A 157 18.47 6.99 4.65
N TYR A 158 17.39 6.58 5.31
CA TYR A 158 17.12 5.18 5.60
C TYR A 158 15.91 4.76 4.78
N LEU A 159 16.09 3.73 3.95
CA LEU A 159 15.03 3.26 3.04
C LEU A 159 14.38 2.02 3.59
N TYR A 160 13.05 1.93 3.44
CA TYR A 160 12.30 0.73 3.84
C TYR A 160 11.23 0.46 2.79
N ALA A 161 10.85 -0.80 2.72
CA ALA A 161 9.91 -1.25 1.70
C ALA A 161 8.90 -2.28 2.19
N GLY A 162 7.88 -2.46 1.37
CA GLY A 162 6.84 -3.48 1.62
C GLY A 162 7.30 -4.89 1.24
N ALA A 163 6.36 -5.84 1.30
CA ALA A 163 6.60 -7.23 0.92
C ALA A 163 6.75 -7.40 -0.59
N ALA A 164 7.79 -8.13 -1.02
CA ALA A 164 7.98 -8.36 -2.47
C ALA A 164 6.86 -9.14 -3.15
N SER A 165 6.06 -9.87 -2.37
CA SER A 165 4.88 -10.55 -2.90
C SER A 165 3.73 -9.59 -3.29
N ASP A 166 3.85 -8.34 -2.89
CA ASP A 166 2.85 -7.29 -3.18
C ASP A 166 3.37 -6.42 -4.30
N ASN A 167 2.72 -6.44 -5.46
CA ASN A 167 3.16 -5.56 -6.55
C ASN A 167 3.20 -4.09 -6.12
N ASN A 168 2.30 -3.71 -5.22
CA ASN A 168 2.31 -2.32 -4.76
C ASN A 168 3.62 -1.95 -4.08
N ALA A 169 4.29 -2.91 -3.45
CA ALA A 169 5.57 -2.61 -2.80
C ALA A 169 6.57 -2.09 -3.84
N PHE A 170 6.54 -2.67 -5.03
CA PHE A 170 7.41 -2.21 -6.11
C PHE A 170 6.97 -0.84 -6.59
N LEU A 171 5.66 -0.63 -6.69
CA LEU A 171 5.14 0.67 -7.16
C LEU A 171 5.46 1.78 -6.14
N PHE A 172 5.25 1.51 -4.87
CA PHE A 172 5.56 2.52 -3.86
C PHE A 172 7.06 2.82 -3.90
N PHE A 173 7.88 1.78 -4.04
CA PHE A 173 9.30 2.00 -4.04
C PHE A 173 9.72 2.80 -5.29
N GLU A 174 9.18 2.42 -6.44
CA GLU A 174 9.53 3.14 -7.66
C GLU A 174 9.17 4.62 -7.53
N GLY A 175 7.95 4.91 -7.07
CA GLY A 175 7.50 6.30 -6.98
C GLY A 175 8.44 7.12 -6.10
N ALA A 176 8.86 6.49 -5.01
CA ALA A 176 9.81 7.16 -4.10
C ALA A 176 11.19 7.31 -4.71
N TRP A 177 11.67 6.24 -5.33
CA TRP A 177 13.01 6.23 -5.90
C TRP A 177 13.17 7.31 -6.95
N LYS A 178 12.11 7.51 -7.74
CA LYS A 178 12.20 8.49 -8.82
C LYS A 178 12.22 9.93 -8.34
N VAL A 179 11.93 10.13 -7.05
CA VAL A 179 12.15 11.42 -6.38
C VAL A 179 13.46 11.44 -5.61
N LEU A 180 13.74 10.35 -4.90
CA LEU A 180 14.96 10.34 -4.09
C LEU A 180 16.27 10.22 -4.86
N GLN A 181 16.26 9.46 -5.95
CA GLN A 181 17.49 9.15 -6.65
C GLN A 181 18.25 10.42 -7.10
N PRO A 182 17.55 11.39 -7.69
CA PRO A 182 18.31 12.60 -8.05
C PRO A 182 18.91 13.30 -6.84
N LYS A 183 18.22 13.24 -5.71
CA LYS A 183 18.70 13.87 -4.48
C LYS A 183 19.74 13.07 -3.71
N ILE A 184 19.96 11.82 -4.14
CA ILE A 184 21.11 11.03 -3.68
C ILE A 184 22.28 11.34 -4.61
N ALA A 185 22.02 11.28 -5.92
CA ALA A 185 23.06 11.58 -6.90
C ALA A 185 23.69 12.97 -6.73
N ASP A 186 22.89 13.93 -6.26
CA ASP A 186 23.40 15.32 -6.08
C ASP A 186 23.99 15.58 -4.68
N GLY A 187 24.03 14.54 -3.86
CA GLY A 187 24.68 14.60 -2.54
C GLY A 187 23.80 15.06 -1.39
N THR A 188 22.53 15.36 -1.67
CA THR A 188 21.64 15.81 -0.61
C THR A 188 21.44 14.73 0.44
N PHE A 189 21.14 13.52 -0.03
CA PHE A 189 20.98 12.36 0.83
C PHE A 189 22.11 11.34 0.65
N VAL A 190 22.40 10.64 1.73
CA VAL A 190 23.34 9.54 1.72
C VAL A 190 22.64 8.34 2.32
N ILE A 191 22.52 7.28 1.52
CA ILE A 191 21.82 6.07 1.93
C ILE A 191 22.60 5.33 3.00
N LYS A 192 21.96 5.01 4.13
CA LYS A 192 22.66 4.39 5.24
C LYS A 192 22.35 2.92 5.50
N ASN A 193 21.35 2.36 4.82
CA ASN A 193 20.94 0.98 5.10
C ASN A 193 20.71 0.05 3.90
N SER A 194 21.37 0.33 2.78
CA SER A 194 21.21 -0.57 1.65
C SER A 194 22.36 -0.42 0.68
N SER A 195 23.29 -1.37 0.73
CA SER A 195 24.38 -1.38 -0.20
C SER A 195 23.92 -1.56 -1.65
N GLU A 196 22.82 -2.26 -1.83
CA GLU A 196 22.31 -2.46 -3.17
C GLU A 196 21.81 -1.14 -3.74
N ALA A 197 21.11 -0.36 -2.91
CA ALA A 197 20.63 0.95 -3.35
C ALA A 197 21.79 1.88 -3.66
N VAL A 198 22.82 1.84 -2.81
CA VAL A 198 24.01 2.70 -3.05
C VAL A 198 24.64 2.36 -4.40
N ALA A 199 24.74 1.08 -4.72
CA ALA A 199 25.34 0.68 -5.98
C ALA A 199 24.51 1.09 -7.17
N LEU A 200 23.20 1.29 -6.93
CA LEU A 200 22.24 1.74 -7.92
C LEU A 200 21.93 3.22 -7.94
N GLN A 201 22.61 4.00 -7.09
CA GLN A 201 22.10 5.36 -6.81
C GLN A 201 22.34 6.38 -7.92
N ASN A 202 23.02 5.97 -9.00
CA ASN A 202 23.09 6.82 -10.19
C ASN A 202 22.33 6.20 -11.35
N LYS A 203 21.29 5.46 -11.02
CA LYS A 203 20.39 4.89 -12.02
C LYS A 203 18.95 5.24 -11.63
N LEU A 204 18.30 6.07 -12.43
CA LEU A 204 16.94 6.47 -12.13
C LEU A 204 15.92 5.37 -12.44
N ASP A 205 16.06 4.72 -13.60
CA ASP A 205 15.09 3.69 -14.06
C ASP A 205 15.56 2.29 -13.72
N LEU A 206 15.22 1.86 -12.54
CA LEU A 206 15.57 0.53 -12.11
C LEU A 206 14.70 -0.54 -12.76
N THR A 207 15.32 -1.66 -13.05
CA THR A 207 14.54 -2.82 -13.47
C THR A 207 13.84 -3.42 -12.24
N ARG A 208 12.88 -4.30 -12.48
CA ARG A 208 12.22 -4.96 -11.39
C ARG A 208 13.19 -5.80 -10.56
N ASP A 209 14.11 -6.48 -11.23
CA ASP A 209 15.10 -7.32 -10.55
C ASP A 209 16.03 -6.45 -9.71
N GLU A 210 16.39 -5.27 -10.23
CA GLU A 210 17.22 -4.35 -9.44
C GLU A 210 16.47 -3.82 -8.22
N MET A 211 15.22 -3.38 -8.42
CA MET A 211 14.41 -2.94 -7.28
C MET A 211 14.28 -4.07 -6.26
N ALA A 212 14.13 -5.30 -6.75
CA ALA A 212 13.93 -6.43 -5.87
C ALA A 212 15.15 -6.67 -4.97
N LYS A 213 16.35 -6.37 -5.45
CA LYS A 213 17.58 -6.48 -4.62
C LYS A 213 17.58 -5.44 -3.49
N ILE A 214 17.11 -4.24 -3.80
CA ILE A 214 17.01 -3.22 -2.77
C ILE A 214 15.95 -3.60 -1.77
N ILE A 215 14.78 -3.96 -2.28
CA ILE A 215 13.67 -4.33 -1.40
C ILE A 215 14.07 -5.48 -0.50
N GLY A 216 14.84 -6.43 -1.03
CA GLY A 216 15.27 -7.56 -0.19
C GLY A 216 16.07 -7.14 1.03
N GLN A 217 16.88 -6.09 0.85
CA GLN A 217 17.71 -5.57 1.95
C GLN A 217 16.92 -4.72 2.95
N VAL A 218 15.84 -4.11 2.49
CA VAL A 218 15.10 -3.13 3.31
C VAL A 218 13.64 -3.50 3.56
N THR A 219 13.27 -4.75 3.31
CA THR A 219 11.87 -5.14 3.41
C THR A 219 11.41 -5.24 4.84
N THR A 220 10.22 -4.70 5.06
CA THR A 220 9.49 -4.85 6.31
C THR A 220 8.55 -6.04 6.26
N ASN A 221 8.33 -6.60 5.06
CA ASN A 221 7.32 -7.65 4.86
C ASN A 221 5.94 -7.24 5.39
N TRP A 222 5.68 -5.93 5.43
CA TRP A 222 4.43 -5.36 5.93
C TRP A 222 4.09 -5.83 7.34
N ASP A 223 5.15 -5.94 8.14
CA ASP A 223 5.07 -6.52 9.48
C ASP A 223 5.77 -5.61 10.49
N PHE A 224 5.07 -5.28 11.56
CA PHE A 224 5.55 -4.39 12.61
C PHE A 224 6.90 -4.84 13.20
N ASN A 225 6.98 -6.08 13.68
CA ASN A 225 8.20 -6.53 14.36
C ASN A 225 9.39 -6.61 13.43
N THR A 226 9.11 -7.05 12.20
CA THR A 226 10.13 -7.14 11.17
C THR A 226 10.69 -5.74 10.89
N ALA A 227 9.81 -4.74 10.78
CA ALA A 227 10.26 -3.37 10.58
C ALA A 227 11.07 -2.86 11.77
N LYS A 228 10.55 -3.05 12.97
CA LYS A 228 11.25 -2.54 14.15
C LYS A 228 12.64 -3.15 14.25
N ASN A 229 12.69 -4.46 14.09
CA ASN A 229 13.97 -5.17 14.15
C ASN A 229 14.98 -4.76 13.09
N LEU A 230 14.49 -4.55 11.88
CA LEU A 230 15.36 -4.06 10.82
C LEU A 230 15.88 -2.67 11.16
N ALA A 231 15.01 -1.78 11.64
CA ALA A 231 15.47 -0.45 12.03
C ALA A 231 16.53 -0.55 13.14
N GLU A 232 16.29 -1.42 14.11
CA GLU A 232 17.25 -1.63 15.23
C GLU A 232 18.59 -2.15 14.71
N ALA A 233 18.54 -3.12 13.80
CA ALA A 233 19.75 -3.64 13.16
C ALA A 233 20.51 -2.55 12.40
N ASN A 234 19.76 -1.76 11.62
CA ASN A 234 20.33 -0.65 10.89
C ASN A 234 20.99 0.37 11.80
N LEU A 235 20.33 0.69 12.91
CA LEU A 235 20.85 1.66 13.85
C LEU A 235 22.09 1.14 14.59
N THR A 236 22.09 -0.16 14.88
CA THR A 236 23.23 -0.80 15.51
C THR A 236 24.46 -0.79 14.60
N ALA A 237 24.22 -0.95 13.30
CA ALA A 237 25.32 -0.98 12.33
C ALA A 237 25.81 0.42 12.02
N ALA A 238 24.89 1.38 12.13
CA ALA A 238 25.19 2.76 11.83
C ALA A 238 26.00 3.40 12.94
N THR A 239 26.75 4.43 12.58
CA THR A 239 27.56 5.15 13.57
C THR A 239 26.96 6.52 13.82
N ALA A 240 27.51 7.28 14.77
CA ALA A 240 26.93 8.59 15.11
C ALA A 240 26.91 9.53 13.89
N ALA A 241 27.93 9.41 13.06
CA ALA A 241 28.02 10.21 11.81
C ALA A 241 26.90 9.93 10.82
N ASP A 242 26.24 8.80 10.99
CA ASP A 242 25.12 8.39 10.14
C ASP A 242 23.76 8.75 10.71
N LYS A 243 23.75 9.47 11.82
CA LYS A 243 22.54 9.80 12.52
C LYS A 243 22.37 11.29 12.56
N GLY A 244 22.08 11.83 13.75
CA GLY A 244 21.71 13.22 13.86
C GLY A 244 20.31 13.45 13.31
N LYS A 245 20.24 14.29 12.31
CA LYS A 245 18.95 14.60 11.69
C LYS A 245 18.75 13.73 10.47
N VAL A 246 17.76 12.85 10.52
CA VAL A 246 17.69 11.75 9.57
C VAL A 246 16.34 11.69 8.90
N TYR A 247 16.33 11.01 7.76
CA TYR A 247 15.21 10.96 6.84
C TYR A 247 14.88 9.48 6.60
N ILE A 248 13.62 9.11 6.81
CA ILE A 248 13.21 7.72 6.81
C ILE A 248 12.02 7.52 5.87
N LEU A 249 12.27 6.70 4.84
CA LEU A 249 11.21 6.30 3.89
C LEU A 249 10.56 5.05 4.46
N ALA A 250 9.53 5.22 5.29
CA ALA A 250 8.79 4.07 5.84
C ALA A 250 7.60 3.85 4.92
N PRO A 251 7.30 2.58 4.56
CA PRO A 251 6.35 2.38 3.45
C PRO A 251 4.88 2.43 3.84
N ASN A 252 4.55 2.15 5.10
CA ASN A 252 3.16 2.35 5.54
C ASN A 252 3.12 2.73 7.00
N ASP A 253 1.91 2.91 7.54
CA ASP A 253 1.77 3.44 8.91
C ASP A 253 2.33 2.54 10.01
N GLY A 254 1.93 1.27 10.02
CA GLY A 254 2.38 0.42 11.11
C GLY A 254 3.89 0.28 11.09
N THR A 255 4.46 0.06 9.90
CA THR A 255 5.91 -0.06 9.84
C THR A 255 6.60 1.27 10.20
N ALA A 256 5.98 2.40 9.83
CA ALA A 256 6.47 3.72 10.25
C ALA A 256 6.56 3.86 11.76
N ARG A 257 5.54 3.42 12.47
CA ARG A 257 5.55 3.56 13.92
C ARG A 257 6.63 2.68 14.52
N ALA A 258 6.78 1.46 13.98
CA ALA A 258 7.80 0.52 14.48
C ALA A 258 9.19 1.11 14.29
N ILE A 259 9.43 1.66 13.11
CA ILE A 259 10.71 2.25 12.76
C ILE A 259 10.96 3.53 13.55
N ALA A 260 9.94 4.39 13.60
CA ALA A 260 10.02 5.59 14.43
C ALA A 260 10.33 5.26 15.89
N ASP A 261 9.75 4.20 16.41
CA ASP A 261 10.00 3.77 17.80
C ASP A 261 11.48 3.46 18.00
N ALA A 262 12.09 2.78 17.05
CA ALA A 262 13.54 2.49 17.12
C ALA A 262 14.40 3.76 17.06
N PHE A 263 14.09 4.62 16.08
CA PHE A 263 14.85 5.86 15.88
C PHE A 263 14.67 6.84 17.05
N ALA A 264 13.47 6.89 17.63
CA ALA A 264 13.20 7.78 18.77
C ALA A 264 14.06 7.42 19.97
N ALA A 265 14.35 6.13 20.09
CA ALA A 265 15.16 5.59 21.20
C ALA A 265 16.68 5.74 21.08
N ASP A 266 17.15 6.21 19.94
CA ASP A 266 18.58 6.27 19.67
C ASP A 266 18.99 7.68 20.02
N LYS A 267 19.77 7.83 21.09
CA LYS A 267 20.17 9.17 21.57
C LYS A 267 20.93 10.01 20.52
N ASP A 268 21.56 9.34 19.56
CA ASP A 268 22.37 10.04 18.53
C ASP A 268 21.51 10.52 17.36
N VAL A 269 20.26 10.08 17.34
CA VAL A 269 19.26 10.61 16.40
C VAL A 269 18.61 11.82 17.07
N THR A 270 19.00 12.99 16.62
CA THR A 270 18.50 14.23 17.23
C THR A 270 17.16 14.66 16.66
N GLU A 271 16.86 14.22 15.45
CA GLU A 271 15.58 14.50 14.82
C GLU A 271 15.37 13.51 13.70
N TYR A 272 14.14 13.08 13.48
CA TYR A 272 13.86 12.24 12.33
C TYR A 272 12.56 12.70 11.65
N PHE A 273 12.58 12.54 10.33
CA PHE A 273 11.42 12.71 9.47
C PHE A 273 11.04 11.34 8.94
N VAL A 274 9.78 10.94 9.10
CA VAL A 274 9.37 9.60 8.70
C VAL A 274 8.01 9.64 8.01
N THR A 275 7.92 8.82 6.96
CA THR A 275 6.76 8.76 6.09
C THR A 275 5.85 7.61 6.49
N GLY A 276 4.72 7.49 5.79
CA GLY A 276 3.79 6.36 6.00
C GLY A 276 2.64 6.42 5.01
N GLN A 277 1.69 5.52 5.18
CA GLN A 277 0.44 5.57 4.43
C GLN A 277 -0.61 4.70 5.11
N ASP A 278 -1.86 5.06 4.80
CA ASP A 278 -3.11 4.36 5.17
C ASP A 278 -3.92 5.14 6.22
N ALA A 279 -3.31 6.14 6.86
CA ALA A 279 -4.00 6.91 7.90
C ALA A 279 -4.62 6.00 8.97
N GLU A 280 -3.85 5.00 9.38
CA GLU A 280 -4.25 4.19 10.52
C GLU A 280 -4.39 5.10 11.75
N LYS A 281 -5.36 4.82 12.60
CA LYS A 281 -5.66 5.68 13.75
C LYS A 281 -4.43 5.92 14.60
N ALA A 282 -3.69 4.86 14.89
CA ALA A 282 -2.53 4.97 15.77
C ALA A 282 -1.48 5.87 15.14
N SER A 283 -1.40 5.87 13.81
CA SER A 283 -0.46 6.79 13.14
C SER A 283 -0.97 8.21 13.09
N VAL A 284 -2.28 8.38 12.95
CA VAL A 284 -2.84 9.73 13.04
C VAL A 284 -2.47 10.33 14.40
N GLN A 285 -2.57 9.50 15.45
CA GLN A 285 -2.20 9.99 16.78
C GLN A 285 -0.71 10.30 16.85
N TYR A 286 0.14 9.42 16.32
CA TYR A 286 1.58 9.76 16.24
C TYR A 286 1.82 11.08 15.52
N ILE A 287 1.09 11.33 14.43
CA ILE A 287 1.25 12.58 13.68
C ILE A 287 0.86 13.76 14.56
N ILE A 288 -0.26 13.65 15.23
CA ILE A 288 -0.70 14.71 16.16
C ILE A 288 0.39 14.98 17.21
N ASP A 289 0.95 13.90 17.75
CA ASP A 289 1.90 13.96 18.85
C ASP A 289 3.34 14.19 18.43
N GLY A 290 3.59 14.36 17.14
CA GLY A 290 4.92 14.68 16.65
C GLY A 290 5.88 13.52 16.56
N ARG A 291 5.34 12.31 16.44
CA ARG A 291 6.15 11.08 16.41
C ARG A 291 6.22 10.45 15.04
N GLN A 292 5.33 10.86 14.14
CA GLN A 292 5.40 10.46 12.74
C GLN A 292 5.13 11.71 11.95
N SER A 293 5.81 11.91 10.84
CA SER A 293 5.77 13.20 10.15
C SER A 293 4.56 13.36 9.23
N MET A 294 4.22 12.28 8.54
CA MET A 294 3.14 12.32 7.57
C MET A 294 2.62 10.95 7.31
N THR A 295 1.42 10.92 6.74
CA THR A 295 0.88 9.71 6.16
C THR A 295 0.20 10.07 4.83
N VAL A 296 0.26 9.14 3.89
CA VAL A 296 -0.49 9.26 2.65
C VAL A 296 -1.88 8.67 2.87
N PHE A 297 -2.90 9.53 2.77
CA PHE A 297 -4.29 9.13 2.99
C PHE A 297 -4.83 8.58 1.69
N LYS A 298 -5.34 7.35 1.77
CA LYS A 298 -5.96 6.64 0.66
C LYS A 298 -7.41 6.36 1.07
N ASP A 299 -8.36 7.06 0.46
CA ASP A 299 -9.73 7.00 0.93
C ASP A 299 -10.36 5.68 0.54
N VAL A 300 -10.31 4.75 1.49
CA VAL A 300 -10.87 3.41 1.30
C VAL A 300 -12.35 3.43 1.00
N ARG A 301 -13.07 4.45 1.44
CA ARG A 301 -14.48 4.56 1.03
C ARG A 301 -14.64 4.64 -0.49
N THR A 302 -13.74 5.37 -1.13
CA THR A 302 -13.79 5.50 -2.58
C THR A 302 -13.41 4.18 -3.26
N LEU A 303 -12.39 3.51 -2.74
CA LEU A 303 -11.92 2.26 -3.33
C LEU A 303 -13.05 1.23 -3.27
N VAL A 304 -13.67 1.12 -2.10
CA VAL A 304 -14.76 0.19 -1.89
C VAL A 304 -15.91 0.49 -2.85
N GLN A 305 -16.32 1.76 -2.92
CA GLN A 305 -17.45 2.10 -3.78
C GLN A 305 -17.12 1.84 -5.25
N ASP A 306 -15.88 2.15 -5.66
CA ASP A 306 -15.45 1.89 -7.04
C ASP A 306 -15.58 0.42 -7.38
N ALA A 307 -15.23 -0.43 -6.43
CA ALA A 307 -15.34 -1.88 -6.62
C ALA A 307 -16.79 -2.35 -6.66
N ILE A 308 -17.61 -1.82 -5.76
CA ILE A 308 -19.02 -2.21 -5.72
C ILE A 308 -19.67 -1.75 -7.03
N LYS A 309 -19.43 -0.51 -7.41
CA LYS A 309 -20.02 0.04 -8.64
CA LYS A 309 -20.01 0.05 -8.63
C LYS A 309 -19.63 -0.81 -9.87
N ALA A 310 -18.38 -1.22 -9.94
CA ALA A 310 -17.92 -2.01 -11.08
C ALA A 310 -18.58 -3.37 -11.07
N ALA A 311 -18.65 -4.00 -9.89
CA ALA A 311 -19.34 -5.27 -9.76
C ALA A 311 -20.81 -5.22 -10.16
N VAL A 312 -21.51 -4.20 -9.67
CA VAL A 312 -22.93 -4.04 -9.98
C VAL A 312 -23.11 -3.83 -11.49
N ALA A 313 -22.22 -3.04 -12.10
CA ALA A 313 -22.32 -2.85 -13.55
C ALA A 313 -22.20 -4.20 -14.28
N LEU A 314 -21.20 -4.98 -13.90
CA LEU A 314 -21.03 -6.31 -14.51
C LEU A 314 -22.20 -7.25 -14.29
N LEU A 315 -22.82 -7.17 -13.12
CA LEU A 315 -23.98 -8.00 -12.82
C LEU A 315 -25.15 -7.67 -13.72
N GLN A 316 -25.19 -6.40 -14.14
CA GLN A 316 -26.20 -5.86 -15.06
C GLN A 316 -25.78 -6.03 -16.52
N ASP A 317 -24.74 -6.80 -16.78
CA ASP A 317 -24.25 -7.04 -18.14
C ASP A 317 -23.78 -5.72 -18.82
N GLN A 318 -23.29 -4.82 -17.99
CA GLN A 318 -22.67 -3.56 -18.44
C GLN A 318 -21.17 -3.51 -18.02
N GLN A 319 -20.42 -2.64 -18.69
CA GLN A 319 -18.97 -2.50 -18.50
C GLN A 319 -18.70 -1.39 -17.48
N PRO A 320 -17.80 -1.65 -16.52
CA PRO A 320 -17.31 -0.62 -15.63
C PRO A 320 -16.57 0.49 -16.34
N GLU A 321 -16.43 1.60 -15.62
CA GLU A 321 -15.83 2.80 -16.17
C GLU A 321 -14.35 2.92 -15.88
N ALA A 322 -13.53 2.34 -16.74
CA ALA A 322 -12.08 2.30 -16.48
C ALA A 322 -11.36 3.33 -17.32
N ARG A 323 -10.30 3.88 -16.74
CA ARG A 323 -9.46 4.85 -17.43
C ARG A 323 -8.02 4.58 -17.08
N GLY A 324 -7.20 4.38 -18.11
CA GLY A 324 -5.81 4.06 -17.88
C GLY A 324 -5.66 2.58 -17.61
N THR A 325 -4.41 2.13 -17.52
CA THR A 325 -4.09 0.71 -17.29
C THR A 325 -2.90 0.55 -16.34
N TYR A 326 -2.80 -0.64 -15.76
CA TYR A 326 -1.59 -1.06 -15.07
C TYR A 326 -1.14 -2.34 -15.72
N ASN A 327 0.14 -2.41 -16.07
CA ASN A 327 0.65 -3.62 -16.63
C ASN A 327 0.92 -4.63 -15.54
N ASN A 328 0.57 -5.88 -15.84
CA ASN A 328 0.71 -6.95 -14.85
C ASN A 328 1.68 -8.06 -15.28
N GLY A 329 2.49 -7.78 -16.31
CA GLY A 329 3.43 -8.77 -16.86
C GLY A 329 2.95 -9.45 -18.13
N LYS A 330 1.64 -9.53 -18.26
CA LYS A 330 0.99 -10.11 -19.46
CA LYS A 330 0.98 -10.13 -19.43
C LYS A 330 -0.04 -9.22 -20.15
N LYS A 331 -0.63 -8.30 -19.40
CA LYS A 331 -1.75 -7.51 -19.88
C LYS A 331 -1.68 -6.12 -19.28
N ASP A 332 -2.07 -5.13 -20.07
CA ASP A 332 -2.41 -3.81 -19.55
C ASP A 332 -3.86 -3.83 -19.02
N VAL A 333 -3.98 -3.98 -17.71
CA VAL A 333 -5.30 -4.20 -17.10
C VAL A 333 -6.00 -2.85 -16.95
N PRO A 334 -7.24 -2.74 -17.46
CA PRO A 334 -8.01 -1.51 -17.27
C PRO A 334 -8.15 -1.11 -15.80
N ALA A 335 -7.86 0.15 -15.52
CA ALA A 335 -7.76 0.65 -14.13
C ALA A 335 -8.91 1.56 -13.76
N ILE A 336 -9.32 1.46 -12.50
CA ILE A 336 -10.31 2.37 -11.92
C ILE A 336 -9.50 2.94 -10.73
N GLN A 337 -8.83 4.06 -10.97
CA GLN A 337 -7.84 4.60 -10.06
C GLN A 337 -8.37 5.81 -9.32
N SER A 338 -7.98 5.87 -8.04
CA SER A 338 -8.39 6.89 -7.06
C SER A 338 -7.16 7.62 -6.55
N PRO A 339 -7.28 8.93 -6.25
CA PRO A 339 -6.08 9.65 -5.82
C PRO A 339 -5.72 9.47 -4.36
N VAL A 340 -4.53 9.97 -4.05
CA VAL A 340 -3.99 9.88 -2.70
C VAL A 340 -3.49 11.26 -2.24
N VAL A 341 -3.52 11.49 -0.93
CA VAL A 341 -3.28 12.85 -0.39
C VAL A 341 -2.34 12.79 0.79
N THR A 342 -1.35 13.67 0.78
CA THR A 342 -0.46 13.74 1.92
C THR A 342 -1.12 14.43 3.12
N VAL A 343 -1.03 13.75 4.25
CA VAL A 343 -1.56 14.26 5.51
C VAL A 343 -0.45 14.47 6.52
N THR A 344 -0.43 15.69 7.05
CA THR A 344 0.48 16.08 8.11
C THR A 344 -0.38 16.76 9.18
N ARG A 345 0.26 17.25 10.23
CA ARG A 345 -0.48 18.04 11.23
C ARG A 345 -1.29 19.20 10.65
N ASP A 346 -0.75 19.81 9.59
CA ASP A 346 -1.37 21.02 9.02
C ASP A 346 -2.76 20.77 8.42
N ASN A 347 -3.02 19.54 7.93
CA ASN A 347 -4.27 19.21 7.24
C ASN A 347 -4.96 17.95 7.75
N VAL A 348 -4.54 17.43 8.89
CA VAL A 348 -5.19 16.22 9.40
C VAL A 348 -6.71 16.41 9.61
N ARG A 349 -7.08 17.56 10.15
CA ARG A 349 -8.47 17.83 10.36
C ARG A 349 -9.22 17.94 9.04
N ALA A 350 -8.72 18.74 8.10
CA ALA A 350 -9.41 18.85 6.80
C ALA A 350 -9.49 17.52 6.09
N ALA A 351 -8.38 16.77 6.07
CA ALA A 351 -8.33 15.57 5.23
C ALA A 351 -9.13 14.39 5.80
N LEU A 352 -9.08 14.22 7.12
CA LEU A 352 -9.61 13.02 7.74
C LEU A 352 -10.89 13.24 8.51
N ILE A 353 -11.09 14.44 9.03
CA ILE A 353 -12.23 14.72 9.90
C ILE A 353 -13.34 15.45 9.13
N ASP A 354 -12.99 16.52 8.45
CA ASP A 354 -13.98 17.29 7.68
C ASP A 354 -14.52 16.49 6.51
N SER A 355 -13.72 15.55 6.05
CA SER A 355 -14.10 14.60 5.01
C SER A 355 -15.05 13.49 5.50
N GLY A 356 -15.22 13.39 6.81
CA GLY A 356 -16.02 12.32 7.39
C GLY A 356 -15.36 10.97 7.54
N TYR A 357 -14.08 10.86 7.20
CA TYR A 357 -13.42 9.57 7.26
C TYR A 357 -13.40 9.03 8.68
N TYR A 358 -12.98 9.89 9.60
CA TYR A 358 -12.96 9.57 11.02
C TYR A 358 -13.67 10.62 11.84
N SER A 359 -14.23 10.20 12.97
CA SER A 359 -14.72 11.15 13.96
C SER A 359 -13.55 11.77 14.72
N ALA A 360 -13.66 13.07 14.99
CA ALA A 360 -12.64 13.76 15.79
C ALA A 360 -12.44 13.09 17.16
N SER A 361 -13.51 12.50 17.69
CA SER A 361 -13.45 11.87 19.01
C SER A 361 -12.54 10.63 19.05
N ASP A 362 -12.10 10.16 17.88
CA ASP A 362 -11.14 9.05 17.82
C ASP A 362 -9.76 9.42 18.34
N PHE A 363 -9.49 10.72 18.40
CA PHE A 363 -8.15 11.22 18.67
C PHE A 363 -8.09 12.16 19.84
N THR A 364 -6.90 12.27 20.40
CA THR A 364 -6.63 13.25 21.42
C THR A 364 -5.86 14.41 20.81
N ASN A 365 -6.32 15.61 21.13
CA ASN A 365 -5.61 16.83 20.78
C ASN A 365 -5.40 17.09 19.28
N LEU A 366 -6.44 16.77 18.54
CA LEU A 366 -6.46 17.01 17.12
C LEU A 366 -6.43 18.53 16.88
N PRO A 367 -5.44 19.03 16.13
CA PRO A 367 -5.34 20.47 15.90
C PRO A 367 -6.50 21.00 15.06
#